data_5TFF
#
_entry.id   5TFF
#
_cell.length_a   40.183
_cell.length_b   40.183
_cell.length_c   141.794
_cell.angle_alpha   90.00
_cell.angle_beta   90.00
_cell.angle_gamma   90.00
#
_symmetry.space_group_name_H-M   'P 43'
#
loop_
_entity.id
_entity.type
_entity.pdbx_description
1 polymer 'Cystic fibrosis transmembrane conductance regulator'
2 non-polymer 'MAGNESIUM ION'
3 non-polymer "URIDINE 5'-TRIPHOSPHATE"
4 water water
#
_entity_poly.entity_id   1
_entity_poly.type   'polypeptide(L)'
_entity_poly.pdbx_seq_one_letter_code
;SLTTTEVVMENVTAFWEEGGTPVLKDINFKIERGQLLAVAGSTGAGKTSLLMMIMGELEPSEGKIKHSGRISFCSQFSWI
MPGTIKENIIFGVSYDEYRYRSVIKACQLEEDISKFAEKDNIVLGEGGITLSGGQRARISLARAVYKDADLYLLDSPFGY
LDVLTEKEIFESCVCKLMANKTRILVTSKMEHLKKADKILILHEGSSYFYGTFSELQNLQPDFSSKLMG
;
_entity_poly.pdbx_strand_id   A
#
loop_
_chem_comp.id
_chem_comp.type
_chem_comp.name
_chem_comp.formula
MG non-polymer 'MAGNESIUM ION' 'Mg 2'
UTP non-polymer 'URIDINE 5'-TRIPHOSPHATE' 'C9 H15 N2 O15 P3'
#
# COMPACT_ATOMS: atom_id res chain seq x y z
N THR A 5 10.77 -4.94 -17.01
CA THR A 5 10.03 -4.01 -16.20
C THR A 5 8.78 -4.62 -15.68
N GLU A 6 8.36 -4.14 -14.56
CA GLU A 6 7.21 -4.71 -13.89
C GLU A 6 5.95 -3.86 -14.00
N VAL A 7 6.07 -2.54 -13.82
CA VAL A 7 4.95 -1.62 -14.00
C VAL A 7 5.43 -0.40 -14.76
N VAL A 8 4.67 0.02 -15.77
CA VAL A 8 4.98 1.21 -16.55
C VAL A 8 3.71 2.01 -16.75
N MET A 9 3.79 3.33 -16.59
CA MET A 9 2.81 4.23 -17.15
C MET A 9 3.54 5.15 -18.11
N GLU A 10 2.98 5.32 -19.30
CA GLU A 10 3.59 6.16 -20.32
C GLU A 10 2.54 7.13 -20.82
N ASN A 11 2.76 8.43 -20.57
CA ASN A 11 1.86 9.49 -21.03
C ASN A 11 0.41 9.21 -20.67
N VAL A 12 0.15 8.75 -19.45
CA VAL A 12 -1.20 8.35 -19.09
C VAL A 12 -2.03 9.56 -18.67
N THR A 13 -3.19 9.71 -19.30
CA THR A 13 -4.24 10.64 -18.92
C THR A 13 -5.54 9.85 -18.75
N ALA A 14 -6.34 10.19 -17.74
CA ALA A 14 -7.56 9.46 -17.48
C ALA A 14 -8.61 10.37 -16.84
N PHE A 15 -9.87 9.96 -16.99
CA PHE A 15 -11.02 10.70 -16.51
C PHE A 15 -11.95 9.75 -15.76
N TRP A 16 -12.48 10.19 -14.62
CA TRP A 16 -13.52 9.42 -13.95
C TRP A 16 -14.89 9.63 -14.59
N GLU A 17 -15.13 10.82 -15.12
CA GLU A 17 -16.38 11.14 -15.80
C GLU A 17 -16.06 11.71 -17.17
N GLU A 18 -16.66 11.15 -18.21
CA GLU A 18 -16.49 11.72 -19.55
C GLU A 18 -16.89 13.19 -19.52
N GLY A 19 -16.12 14.00 -20.25
CA GLY A 19 -16.35 15.41 -20.34
C GLY A 19 -15.83 16.16 -19.12
N GLY A 20 -15.30 15.42 -18.13
CA GLY A 20 -14.85 16.00 -16.88
C GLY A 20 -13.42 16.54 -16.94
N THR A 21 -12.91 16.95 -15.70
CA THR A 21 -11.49 17.27 -15.77
C THR A 21 -10.66 16.03 -15.49
N PRO A 22 -9.50 15.90 -16.10
CA PRO A 22 -8.73 14.66 -15.97
C PRO A 22 -8.27 14.45 -14.52
N VAL A 23 -8.39 13.20 -14.05
CA VAL A 23 -7.94 12.87 -12.70
C VAL A 23 -6.44 12.58 -12.68
N LEU A 24 -5.89 12.13 -13.81
CA LEU A 24 -4.45 11.96 -14.00
C LEU A 24 -4.10 12.57 -15.35
N LYS A 25 -2.97 13.29 -15.40
CA LYS A 25 -2.59 14.03 -16.61
C LYS A 25 -1.14 13.73 -16.95
N ASP A 26 -0.91 13.08 -18.10
CA ASP A 26 0.43 12.80 -18.64
C ASP A 26 1.37 12.25 -17.57
N ILE A 27 0.97 11.13 -16.98
CA ILE A 27 1.74 10.48 -15.92
C ILE A 27 2.73 9.52 -16.55
N ASN A 28 3.98 9.52 -16.04
CA ASN A 28 5.04 8.65 -16.53
C ASN A 28 5.81 8.07 -15.35
N PHE A 29 6.00 6.75 -15.35
CA PHE A 29 6.94 6.14 -14.41
C PHE A 29 7.25 4.72 -14.86
N LYS A 30 8.33 4.16 -14.31
CA LYS A 30 8.63 2.74 -14.48
C LYS A 30 9.16 2.17 -13.17
N ILE A 31 8.70 0.96 -12.84
CA ILE A 31 9.13 0.19 -11.67
C ILE A 31 9.71 -1.13 -12.18
N GLU A 32 10.96 -1.42 -11.83
CA GLU A 32 11.50 -2.74 -12.11
C GLU A 32 11.05 -3.75 -11.06
N ARG A 33 11.10 -5.03 -11.42
CA ARG A 33 10.72 -6.08 -10.48
C ARG A 33 11.48 -5.94 -9.17
N GLY A 34 10.73 -5.97 -8.06
CA GLY A 34 11.32 -5.84 -6.74
C GLY A 34 11.59 -4.42 -6.26
N GLN A 35 11.26 -3.40 -7.06
CA GLN A 35 11.54 -2.05 -6.59
C GLN A 35 10.36 -1.48 -5.82
N LEU A 36 10.60 -0.34 -5.19
CA LEU A 36 9.61 0.39 -4.42
C LEU A 36 9.40 1.75 -5.06
N LEU A 37 8.15 2.04 -5.46
CA LEU A 37 7.74 3.37 -5.89
C LEU A 37 6.95 4.03 -4.78
N ALA A 38 7.35 5.23 -4.38
CA ALA A 38 6.57 6.03 -3.45
C ALA A 38 5.73 7.02 -4.25
N VAL A 39 4.43 7.08 -3.93
CA VAL A 39 3.51 8.00 -4.59
C VAL A 39 3.00 9.00 -3.54
N ALA A 40 3.25 10.29 -3.78
CA ALA A 40 2.93 11.33 -2.82
C ALA A 40 2.08 12.39 -3.49
N GLY A 41 1.53 13.30 -2.69
CA GLY A 41 0.74 14.41 -3.19
C GLY A 41 -0.45 14.68 -2.27
N SER A 42 -1.01 15.88 -2.41
CA SER A 42 -2.06 16.32 -1.49
C SER A 42 -3.38 15.59 -1.75
N THR A 43 -4.38 15.85 -0.90
CA THR A 43 -5.65 15.17 -1.07
C THR A 43 -6.27 15.53 -2.41
N GLY A 44 -6.83 14.53 -3.08
CA GLY A 44 -7.39 14.71 -4.40
C GLY A 44 -6.39 14.75 -5.53
N ALA A 45 -5.10 14.52 -5.25
CA ALA A 45 -4.09 14.63 -6.31
C ALA A 45 -4.21 13.52 -7.34
N GLY A 46 -4.82 12.39 -6.99
CA GLY A 46 -4.99 11.26 -7.89
C GLY A 46 -4.25 9.98 -7.51
N LYS A 47 -3.79 9.86 -6.27
CA LYS A 47 -2.94 8.74 -5.87
C LYS A 47 -3.72 7.43 -5.87
N THR A 48 -4.88 7.40 -5.18
CA THR A 48 -5.70 6.20 -5.20
C THR A 48 -6.20 5.90 -6.60
N SER A 49 -6.51 6.95 -7.38
CA SER A 49 -6.94 6.73 -8.75
C SER A 49 -5.86 6.04 -9.58
N LEU A 50 -4.59 6.40 -9.35
CA LEU A 50 -3.49 5.73 -10.03
C LEU A 50 -3.48 4.24 -9.72
N LEU A 51 -3.66 3.88 -8.44
CA LEU A 51 -3.73 2.47 -8.06
C LEU A 51 -4.93 1.79 -8.73
N MET A 52 -6.07 2.47 -8.78
CA MET A 52 -7.26 1.92 -9.42
C MET A 52 -7.00 1.59 -10.88
N MET A 53 -6.22 2.43 -11.57
CA MET A 53 -5.90 2.15 -12.97
C MET A 53 -5.08 0.88 -13.08
N ILE A 54 -4.11 0.69 -12.19
CA ILE A 54 -3.33 -0.54 -12.21
C ILE A 54 -4.23 -1.74 -11.95
N MET A 55 -5.25 -1.59 -11.12
CA MET A 55 -6.18 -2.68 -10.84
C MET A 55 -7.29 -2.80 -11.87
N GLY A 56 -7.27 -1.97 -12.92
CA GLY A 56 -8.22 -2.11 -14.00
C GLY A 56 -9.58 -1.50 -13.74
N GLU A 57 -9.71 -0.65 -12.73
CA GLU A 57 -10.98 0.01 -12.43
C GLU A 57 -11.11 1.35 -13.12
N LEU A 58 -10.07 1.79 -13.83
CA LEU A 58 -10.07 3.08 -14.48
C LEU A 58 -9.23 2.95 -15.74
N GLU A 59 -9.81 3.29 -16.88
CA GLU A 59 -9.06 3.04 -18.10
C GLU A 59 -8.47 4.35 -18.62
N PRO A 60 -7.28 4.29 -19.23
CA PRO A 60 -6.65 5.52 -19.71
C PRO A 60 -7.33 6.01 -20.97
N SER A 61 -7.43 7.33 -21.08
CA SER A 61 -7.89 7.93 -22.33
C SER A 61 -6.75 8.25 -23.26
N GLU A 62 -5.55 8.45 -22.72
CA GLU A 62 -4.30 8.57 -23.49
C GLU A 62 -3.24 7.75 -22.77
N GLY A 63 -2.26 7.28 -23.52
CA GLY A 63 -1.10 6.63 -22.93
C GLY A 63 -1.24 5.13 -22.83
N LYS A 64 -0.14 4.52 -22.34
CA LYS A 64 0.01 3.08 -22.23
C LYS A 64 0.31 2.68 -20.79
N ILE A 65 -0.16 1.50 -20.38
CA ILE A 65 0.15 0.96 -19.07
C ILE A 65 0.55 -0.50 -19.20
N LYS A 66 1.60 -0.89 -18.47
CA LYS A 66 2.04 -2.28 -18.40
C LYS A 66 2.03 -2.74 -16.94
N HIS A 67 1.38 -3.88 -16.70
CA HIS A 67 1.49 -4.57 -15.42
C HIS A 67 0.98 -5.99 -15.62
N SER A 68 1.63 -6.94 -14.96
CA SER A 68 1.24 -8.34 -15.08
C SER A 68 1.19 -8.99 -13.69
N GLY A 69 0.31 -9.97 -13.55
CA GLY A 69 0.30 -10.81 -12.38
C GLY A 69 -0.71 -10.37 -11.32
N ARG A 70 -0.70 -11.12 -10.23
CA ARG A 70 -1.67 -10.91 -9.19
C ARG A 70 -1.30 -9.66 -8.39
N ILE A 71 -2.33 -8.96 -7.93
CA ILE A 71 -2.18 -7.74 -7.16
C ILE A 71 -2.70 -7.99 -5.75
N SER A 72 -1.99 -7.46 -4.75
CA SER A 72 -2.55 -7.33 -3.41
C SER A 72 -2.68 -5.84 -3.10
N PHE A 73 -3.89 -5.42 -2.72
CA PHE A 73 -4.23 -4.01 -2.51
C PHE A 73 -4.58 -3.79 -1.04
N CYS A 74 -3.96 -2.76 -0.43
CA CYS A 74 -4.29 -2.33 0.93
C CYS A 74 -4.95 -0.96 0.84
N SER A 75 -6.25 -0.91 1.12
CA SER A 75 -7.01 0.34 1.04
C SER A 75 -6.54 1.33 2.11
N GLN A 76 -6.64 2.63 1.80
CA GLN A 76 -6.38 3.65 2.81
C GLN A 76 -7.44 3.66 3.90
N PHE A 77 -8.55 2.97 3.70
CA PHE A 77 -9.59 2.83 4.71
C PHE A 77 -9.53 1.42 5.26
N SER A 78 -9.04 1.29 6.50
CA SER A 78 -8.89 -0.03 7.09
C SER A 78 -10.25 -0.68 7.31
N TRP A 79 -10.27 -2.00 7.26
CA TRP A 79 -11.54 -2.70 7.42
C TRP A 79 -11.29 -4.06 8.06
N ILE A 80 -12.33 -4.55 8.72
CA ILE A 80 -12.34 -5.84 9.41
C ILE A 80 -13.62 -6.56 9.02
N MET A 81 -13.52 -7.86 8.83
CA MET A 81 -14.72 -8.66 8.70
C MET A 81 -14.91 -9.53 9.93
N PRO A 82 -16.14 -9.98 10.21
CA PRO A 82 -16.35 -10.84 11.39
C PRO A 82 -15.52 -12.11 11.29
N GLY A 83 -14.77 -12.39 12.34
CA GLY A 83 -13.91 -13.55 12.39
C GLY A 83 -12.74 -13.27 13.31
N THR A 84 -11.88 -14.28 13.45
CA THR A 84 -10.73 -14.09 14.34
C THR A 84 -9.72 -13.14 13.69
N ILE A 85 -8.75 -12.70 14.50
CA ILE A 85 -7.70 -11.86 13.91
C ILE A 85 -6.89 -12.69 12.90
N LYS A 86 -6.67 -13.97 13.20
CA LYS A 86 -5.98 -14.83 12.23
C LYS A 86 -6.78 -14.95 10.93
N GLU A 87 -8.09 -15.15 11.04
CA GLU A 87 -8.92 -15.26 9.84
C GLU A 87 -8.91 -13.96 9.05
N ASN A 88 -8.89 -12.81 9.72
CA ASN A 88 -8.88 -11.53 9.02
C ASN A 88 -7.59 -11.32 8.24
N ILE A 89 -6.48 -11.83 8.75
CA ILE A 89 -5.20 -11.59 8.11
C ILE A 89 -4.99 -12.58 6.96
N ILE A 90 -5.30 -13.85 7.22
CA ILE A 90 -5.21 -14.88 6.19
C ILE A 90 -6.25 -14.65 5.10
N PHE A 91 -7.46 -14.28 5.50
CA PHE A 91 -8.57 -13.89 4.62
C PHE A 91 -8.68 -14.82 3.41
N GLY A 92 -8.88 -16.10 3.70
CA GLY A 92 -9.16 -17.08 2.66
C GLY A 92 -7.95 -17.66 1.94
N VAL A 93 -6.75 -17.10 2.16
CA VAL A 93 -5.51 -17.62 1.59
C VAL A 93 -5.10 -18.84 2.40
N SER A 94 -4.39 -19.78 1.77
CA SER A 94 -3.93 -20.94 2.53
C SER A 94 -3.05 -20.50 3.69
N TYR A 95 -3.09 -21.25 4.78
CA TYR A 95 -2.40 -20.87 6.00
C TYR A 95 -1.01 -21.47 6.06
N ASP A 96 -0.05 -20.67 6.52
CA ASP A 96 1.26 -21.19 6.88
C ASP A 96 1.74 -20.47 8.14
N GLU A 97 2.13 -21.26 9.16
CA GLU A 97 2.47 -20.68 10.45
C GLU A 97 3.63 -19.71 10.34
N TYR A 98 4.72 -20.12 9.67
CA TYR A 98 5.89 -19.25 9.59
C TYR A 98 5.56 -17.95 8.86
N ARG A 99 4.88 -18.06 7.71
CA ARG A 99 4.50 -16.86 6.95
C ARG A 99 3.63 -15.94 7.78
N TYR A 100 2.59 -16.50 8.41
CA TYR A 100 1.68 -15.70 9.25
C TYR A 100 2.44 -15.01 10.38
N ARG A 101 3.24 -15.77 11.12
CA ARG A 101 4.00 -15.19 12.23
C ARG A 101 4.91 -14.08 11.75
N SER A 102 5.56 -14.26 10.60
CA SER A 102 6.50 -13.24 10.15
C SER A 102 5.76 -11.95 9.81
N VAL A 103 4.56 -12.05 9.26
CA VAL A 103 3.77 -10.87 8.93
C VAL A 103 3.32 -10.16 10.21
N ILE A 104 2.77 -10.90 11.18
CA ILE A 104 2.28 -10.20 12.36
C ILE A 104 3.43 -9.58 13.13
N LYS A 105 4.60 -10.22 13.14
CA LYS A 105 5.77 -9.60 13.75
C LYS A 105 6.15 -8.32 13.03
N ALA A 106 6.19 -8.36 11.70
CA ALA A 106 6.59 -7.19 10.93
C ALA A 106 5.60 -6.05 11.10
N CYS A 107 4.36 -6.37 11.45
CA CYS A 107 3.32 -5.36 11.65
C CYS A 107 3.09 -5.01 13.12
N GLN A 108 3.97 -5.48 14.02
CA GLN A 108 3.89 -5.23 15.46
C GLN A 108 2.61 -5.74 16.10
N LEU A 109 1.92 -6.69 15.46
CA LEU A 109 0.68 -7.23 15.99
C LEU A 109 0.89 -8.32 17.03
N GLU A 110 2.09 -8.89 17.10
CA GLU A 110 2.35 -9.93 18.09
C GLU A 110 2.14 -9.38 19.49
N GLU A 111 2.55 -8.14 19.72
CA GLU A 111 2.36 -7.50 21.02
C GLU A 111 0.88 -7.41 21.37
N ASP A 112 0.06 -6.92 20.42
CA ASP A 112 -1.38 -6.84 20.67
C ASP A 112 -1.97 -8.22 20.93
N ILE A 113 -1.62 -9.20 20.09
CA ILE A 113 -2.26 -10.51 20.19
C ILE A 113 -1.87 -11.22 21.48
N SER A 114 -0.61 -11.09 21.90
CA SER A 114 -0.15 -11.75 23.12
C SER A 114 -0.93 -11.32 24.36
N LYS A 115 -1.57 -10.15 24.33
CA LYS A 115 -2.29 -9.68 25.51
C LYS A 115 -3.68 -10.31 25.67
N PHE A 116 -4.20 -11.00 24.65
CA PHE A 116 -5.52 -11.59 24.71
C PHE A 116 -5.46 -13.06 25.13
N ALA A 117 -6.37 -13.46 26.02
CA ALA A 117 -6.41 -14.85 26.46
C ALA A 117 -6.63 -15.80 25.29
N GLU A 118 -7.42 -15.39 24.29
CA GLU A 118 -7.66 -16.22 23.13
C GLU A 118 -6.59 -16.06 22.05
N LYS A 119 -5.63 -15.16 22.24
CA LYS A 119 -4.48 -15.00 21.33
C LYS A 119 -5.02 -14.78 19.92
N ASP A 120 -4.51 -15.49 18.90
CA ASP A 120 -4.89 -15.28 17.51
C ASP A 120 -6.34 -15.64 17.22
N ASN A 121 -7.03 -16.29 18.14
CA ASN A 121 -8.45 -16.63 17.97
C ASN A 121 -9.39 -15.57 18.55
N ILE A 122 -8.86 -14.43 19.00
CA ILE A 122 -9.74 -13.34 19.43
C ILE A 122 -10.66 -12.96 18.28
N VAL A 123 -11.93 -12.72 18.59
CA VAL A 123 -12.95 -12.51 17.56
C VAL A 123 -13.14 -11.01 17.35
N LEU A 124 -13.01 -10.58 16.10
CA LEU A 124 -13.20 -9.20 15.70
C LEU A 124 -14.50 -9.05 14.93
N GLY A 125 -14.97 -7.80 14.86
CA GLY A 125 -16.06 -7.45 13.98
C GLY A 125 -17.39 -8.08 14.34
N GLU A 126 -17.55 -8.52 15.59
CA GLU A 126 -18.79 -9.15 16.02
C GLU A 126 -19.31 -8.54 17.32
N GLY A 127 -18.90 -7.31 17.64
CA GLY A 127 -19.40 -6.59 18.80
C GLY A 127 -18.61 -6.80 20.07
N GLY A 128 -17.69 -7.75 20.10
CA GLY A 128 -16.84 -7.91 21.26
C GLY A 128 -15.78 -6.85 21.30
N ILE A 129 -14.56 -7.20 20.87
CA ILE A 129 -13.45 -6.25 20.89
C ILE A 129 -13.75 -5.06 19.99
N THR A 130 -13.45 -3.87 20.51
CA THR A 130 -13.45 -2.63 19.74
C THR A 130 -12.00 -2.26 19.44
N LEU A 131 -11.57 -2.40 18.19
CA LEU A 131 -10.18 -2.11 17.85
C LEU A 131 -9.94 -0.62 17.71
N SER A 132 -8.70 -0.21 18.01
CA SER A 132 -8.28 1.16 17.76
C SER A 132 -8.09 1.38 16.25
N GLY A 133 -7.98 2.64 15.85
CA GLY A 133 -7.69 2.92 14.45
C GLY A 133 -6.37 2.31 14.01
N GLY A 134 -5.35 2.40 14.87
CA GLY A 134 -4.03 1.89 14.51
C GLY A 134 -4.00 0.38 14.46
N GLN A 135 -4.78 -0.28 15.33
CA GLN A 135 -4.87 -1.72 15.25
C GLN A 135 -5.54 -2.15 13.96
N ARG A 136 -6.64 -1.48 13.59
CA ARG A 136 -7.33 -1.85 12.36
C ARG A 136 -6.44 -1.62 11.15
N ALA A 137 -5.63 -0.56 11.18
CA ALA A 137 -4.72 -0.28 10.07
C ALA A 137 -3.63 -1.35 9.97
N ARG A 138 -3.07 -1.77 11.11
CA ARG A 138 -2.02 -2.78 11.02
C ARG A 138 -2.58 -4.14 10.61
N ILE A 139 -3.80 -4.46 11.04
CA ILE A 139 -4.45 -5.69 10.57
C ILE A 139 -4.69 -5.63 9.07
N SER A 140 -5.16 -4.49 8.57
CA SER A 140 -5.43 -4.37 7.13
C SER A 140 -4.14 -4.48 6.33
N LEU A 141 -3.06 -3.89 6.84
CA LEU A 141 -1.77 -4.01 6.18
C LEU A 141 -1.31 -5.46 6.18
N ALA A 142 -1.41 -6.12 7.35
CA ALA A 142 -0.99 -7.51 7.45
C ALA A 142 -1.77 -8.40 6.49
N ARG A 143 -3.09 -8.16 6.37
CA ARG A 143 -3.88 -8.91 5.40
C ARG A 143 -3.31 -8.76 3.99
N ALA A 144 -2.98 -7.54 3.60
CA ALA A 144 -2.49 -7.32 2.24
C ALA A 144 -1.10 -7.90 2.03
N VAL A 145 -0.27 -7.89 3.06
CA VAL A 145 1.09 -8.38 2.93
C VAL A 145 1.12 -9.91 2.98
N TYR A 146 0.17 -10.54 3.69
CA TYR A 146 0.16 -11.99 3.78
C TYR A 146 -0.17 -12.62 2.43
N LYS A 147 -1.06 -11.98 1.67
CA LYS A 147 -1.40 -12.48 0.34
C LYS A 147 -0.17 -12.56 -0.55
N ASP A 148 -0.01 -13.68 -1.24
CA ASP A 148 1.09 -13.79 -2.19
C ASP A 148 0.70 -13.10 -3.48
N ALA A 149 1.56 -12.22 -3.97
CA ALA A 149 1.21 -11.47 -5.17
C ALA A 149 2.48 -10.99 -5.87
N ASP A 150 2.32 -10.60 -7.13
CA ASP A 150 3.44 -10.03 -7.86
C ASP A 150 3.59 -8.53 -7.63
N LEU A 151 2.52 -7.85 -7.23
CA LEU A 151 2.60 -6.41 -7.05
C LEU A 151 1.74 -6.03 -5.85
N TYR A 152 2.31 -5.23 -4.95
CA TYR A 152 1.62 -4.81 -3.73
C TYR A 152 1.32 -3.32 -3.83
N LEU A 153 0.04 -2.98 -3.69
CA LEU A 153 -0.43 -1.61 -3.79
C LEU A 153 -0.88 -1.20 -2.39
N LEU A 154 -0.05 -0.43 -1.70
CA LEU A 154 -0.27 -0.08 -0.30
C LEU A 154 -0.66 1.39 -0.24
N ASP A 155 -1.95 1.65 -0.11
CA ASP A 155 -2.50 3.01 -0.21
C ASP A 155 -2.57 3.60 1.19
N SER A 156 -1.58 4.44 1.55
CA SER A 156 -1.50 5.16 2.82
C SER A 156 -1.85 4.20 3.99
N PRO A 157 -1.09 3.12 4.18
CA PRO A 157 -1.52 2.06 5.09
C PRO A 157 -1.25 2.32 6.55
N PHE A 158 -0.64 3.45 6.90
CA PHE A 158 -0.16 3.70 8.25
C PHE A 158 -1.08 4.63 9.03
N GLY A 159 -2.38 4.55 8.77
CA GLY A 159 -3.31 5.45 9.41
C GLY A 159 -3.36 5.21 10.91
N TYR A 160 -3.41 6.31 11.67
CA TYR A 160 -3.59 6.33 13.12
C TYR A 160 -2.34 5.93 13.87
N LEU A 161 -1.21 5.72 13.19
CA LEU A 161 0.02 5.34 13.84
C LEU A 161 0.86 6.57 14.13
N ASP A 162 1.52 6.59 15.28
CA ASP A 162 2.47 7.64 15.60
C ASP A 162 3.69 7.52 14.69
N VAL A 163 4.47 8.62 14.59
CA VAL A 163 5.49 8.64 13.55
C VAL A 163 6.57 7.59 13.80
N LEU A 164 6.90 7.27 15.05
CA LEU A 164 7.93 6.25 15.28
C LEU A 164 7.42 4.86 14.92
N THR A 165 6.18 4.55 15.29
CA THR A 165 5.62 3.24 14.93
C THR A 165 5.51 3.09 13.42
N GLU A 166 5.08 4.14 12.73
CA GLU A 166 5.05 4.13 11.27
C GLU A 166 6.44 3.87 10.69
N LYS A 167 7.44 4.61 11.19
CA LYS A 167 8.82 4.40 10.76
C LYS A 167 9.25 2.95 10.97
N GLU A 168 8.94 2.38 12.13
CA GLU A 168 9.42 1.03 12.42
C GLU A 168 8.76 0.01 11.50
N ILE A 169 7.47 0.17 11.23
CA ILE A 169 6.75 -0.80 10.40
C ILE A 169 7.07 -0.60 8.91
N PHE A 170 7.26 0.64 8.48
CA PHE A 170 7.81 0.87 7.15
C PHE A 170 9.10 0.08 6.95
N GLU A 171 9.99 0.12 7.95
CA GLU A 171 11.26 -0.59 7.84
C GLU A 171 11.10 -2.10 7.97
N SER A 172 10.37 -2.58 9.00
CA SER A 172 10.28 -4.02 9.19
C SER A 172 9.42 -4.69 8.12
N CYS A 173 8.33 -4.04 7.71
CA CYS A 173 7.41 -4.69 6.78
C CYS A 173 7.70 -4.30 5.33
N VAL A 174 7.67 -3.01 5.01
CA VAL A 174 7.76 -2.62 3.61
C VAL A 174 9.18 -2.80 3.08
N CYS A 175 10.20 -2.54 3.91
CA CYS A 175 11.58 -2.60 3.44
C CYS A 175 12.23 -3.96 3.65
N LYS A 176 11.99 -4.61 4.79
CA LYS A 176 12.69 -5.85 5.09
C LYS A 176 11.88 -7.07 4.66
N LEU A 177 10.70 -7.26 5.23
CA LEU A 177 9.89 -8.44 4.92
C LEU A 177 9.56 -8.49 3.43
N MET A 178 9.28 -7.33 2.83
CA MET A 178 8.85 -7.27 1.44
C MET A 178 9.99 -6.92 0.49
N ALA A 179 11.24 -7.12 0.91
CA ALA A 179 12.38 -6.62 0.14
C ALA A 179 12.41 -7.16 -1.30
N ASN A 180 11.89 -8.36 -1.53
CA ASN A 180 12.00 -8.93 -2.87
C ASN A 180 10.83 -8.58 -3.78
N LYS A 181 9.86 -7.82 -3.30
CA LYS A 181 8.56 -7.68 -3.95
C LYS A 181 8.43 -6.32 -4.59
N THR A 182 7.69 -6.29 -5.69
CA THR A 182 7.40 -5.01 -6.33
C THR A 182 6.30 -4.30 -5.55
N ARG A 183 6.58 -3.08 -5.12
CA ARG A 183 5.72 -2.36 -4.18
C ARG A 183 5.45 -0.95 -4.70
N ILE A 184 4.20 -0.53 -4.58
CA ILE A 184 3.83 0.88 -4.75
C ILE A 184 3.20 1.31 -3.45
N LEU A 185 3.81 2.30 -2.81
CA LEU A 185 3.36 2.78 -1.51
C LEU A 185 2.93 4.23 -1.65
N VAL A 186 1.66 4.50 -1.39
CA VAL A 186 1.18 5.88 -1.33
C VAL A 186 1.53 6.41 0.06
N THR A 187 2.37 7.44 0.10
CA THR A 187 2.92 7.94 1.35
C THR A 187 3.51 9.31 1.08
N SER A 188 3.56 10.13 2.11
CA SER A 188 4.16 11.45 1.99
C SER A 188 5.42 11.63 2.84
N LYS A 189 5.81 10.62 3.61
CA LYS A 189 6.84 10.79 4.62
C LYS A 189 8.25 10.79 4.01
N MET A 190 9.11 11.66 4.52
CA MET A 190 10.41 11.88 3.90
C MET A 190 11.23 10.61 3.85
N GLU A 191 11.25 9.83 4.93
CA GLU A 191 12.10 8.63 4.93
C GLU A 191 11.63 7.63 3.88
N HIS A 192 10.32 7.53 3.68
CA HIS A 192 9.80 6.59 2.68
C HIS A 192 10.21 7.00 1.28
N LEU A 193 10.12 8.30 0.97
CA LEU A 193 10.56 8.78 -0.34
C LEU A 193 12.06 8.58 -0.52
N LYS A 194 12.82 8.77 0.57
CA LYS A 194 14.26 8.63 0.49
C LYS A 194 14.67 7.18 0.26
N LYS A 195 13.94 6.23 0.84
CA LYS A 195 14.24 4.81 0.67
C LYS A 195 13.69 4.24 -0.63
N ALA A 196 12.72 4.89 -1.24
CA ALA A 196 12.12 4.37 -2.47
C ALA A 196 13.12 4.39 -3.60
N ASP A 197 12.97 3.43 -4.53
CA ASP A 197 13.77 3.45 -5.76
C ASP A 197 13.37 4.61 -6.65
N LYS A 198 12.08 4.93 -6.70
CA LYS A 198 11.58 6.07 -7.45
C LYS A 198 10.48 6.75 -6.64
N ILE A 199 10.31 8.03 -6.89
CA ILE A 199 9.28 8.86 -6.26
C ILE A 199 8.43 9.49 -7.36
N LEU A 200 7.11 9.46 -7.18
CA LEU A 200 6.18 10.18 -8.04
C LEU A 200 5.32 11.08 -7.15
N ILE A 201 5.46 12.40 -7.32
CA ILE A 201 4.65 13.36 -6.58
C ILE A 201 3.59 13.89 -7.53
N LEU A 202 2.32 13.66 -7.18
CA LEU A 202 1.18 14.11 -7.96
C LEU A 202 0.64 15.42 -7.41
N HIS A 203 0.15 16.29 -8.29
CA HIS A 203 -0.54 17.50 -7.86
C HIS A 203 -1.66 17.77 -8.85
N GLU A 204 -2.91 17.68 -8.37
CA GLU A 204 -4.09 17.89 -9.19
C GLU A 204 -4.01 17.10 -10.49
N GLY A 205 -3.63 15.82 -10.36
CA GLY A 205 -3.54 14.93 -11.48
C GLY A 205 -2.24 14.96 -12.26
N SER A 206 -1.44 16.01 -12.13
CA SER A 206 -0.21 16.12 -12.90
C SER A 206 1.00 15.60 -12.12
N SER A 207 2.07 15.28 -12.86
CA SER A 207 3.36 14.90 -12.28
C SER A 207 4.09 16.15 -11.80
N TYR A 208 4.05 16.36 -10.49
CA TYR A 208 4.78 17.45 -9.85
C TYR A 208 6.28 17.17 -9.86
N PHE A 209 6.67 15.93 -9.61
CA PHE A 209 8.06 15.49 -9.66
C PHE A 209 8.08 13.99 -9.89
N TYR A 210 9.00 13.54 -10.73
CA TYR A 210 9.28 12.11 -10.86
C TYR A 210 10.77 11.91 -10.99
N GLY A 211 11.31 11.04 -10.15
CA GLY A 211 12.76 10.81 -10.08
C GLY A 211 13.12 10.16 -8.76
N THR A 212 14.34 10.42 -8.31
CA THR A 212 14.82 9.90 -7.03
C THR A 212 14.90 11.02 -6.00
N PHE A 213 14.92 10.61 -4.72
CA PHE A 213 15.13 11.57 -3.64
C PHE A 213 16.44 12.32 -3.83
N SER A 214 17.49 11.61 -4.25
CA SER A 214 18.79 12.24 -4.47
C SER A 214 18.71 13.29 -5.57
N GLU A 215 17.98 13.00 -6.66
CA GLU A 215 17.82 13.99 -7.72
C GLU A 215 17.12 15.23 -7.20
N LEU A 216 16.07 15.05 -6.40
CA LEU A 216 15.36 16.20 -5.83
C LEU A 216 16.27 16.98 -4.89
N GLN A 217 17.07 16.29 -4.07
CA GLN A 217 18.04 16.98 -3.22
C GLN A 217 18.95 17.88 -4.04
N ASN A 218 19.42 17.39 -5.19
CA ASN A 218 20.37 18.18 -5.98
C ASN A 218 19.73 19.38 -6.67
N LEU A 219 18.41 19.45 -6.71
CA LEU A 219 17.73 20.62 -7.27
C LEU A 219 17.72 21.74 -6.24
MG MG B . -6.59 8.14 -1.69
PA UTP C . -8.28 10.30 -5.46
O1A UTP C . -9.11 9.42 -4.50
O2A UTP C . -7.52 9.56 -6.52
O3A UTP C . -7.24 11.29 -4.68
O5' UTP C . -9.35 11.37 -6.20
PB UTP C . -6.11 10.84 -3.57
O1B UTP C . -4.80 11.42 -4.12
O2B UTP C . -6.11 9.32 -3.33
O3B UTP C . -6.63 11.67 -2.30
PG UTP C . -6.46 11.23 -0.74
O1G UTP C . -5.02 11.54 -0.26
O2G UTP C . -6.79 9.76 -0.57
O3G UTP C . -7.42 12.17 0.01
C5' UTP C . -8.79 12.24 -7.17
C4' UTP C . -10.03 12.89 -7.84
O4' UTP C . -10.81 11.73 -8.52
C1' UTP C . -12.25 11.94 -8.11
C2' UTP C . -12.18 12.52 -6.92
O2' UTP C . -13.28 13.45 -6.76
C3' UTP C . -10.82 13.39 -6.93
O3' UTP C . -11.14 14.79 -7.26
N1 UTP C . -12.83 10.60 -8.06
C6 UTP C . -12.18 9.64 -7.42
C2 UTP C . -14.00 10.34 -8.71
O2 UTP C . -14.57 11.18 -9.29
N3 UTP C . -14.52 9.08 -8.68
C4 UTP C . -13.88 8.11 -8.03
O4 UTP C . -14.35 6.98 -8.01
C5 UTP C . -12.70 8.37 -7.39
#